data_1MCH
#
_entry.id   1MCH
#
_cell.length_a   72.300
_cell.length_b   72.300
_cell.length_c   185.900
_cell.angle_alpha   90.00
_cell.angle_beta   90.00
_cell.angle_gamma   120.00
#
_symmetry.space_group_name_H-M   'P 31 2 1'
#
loop_
_entity.id
_entity.type
_entity.pdbx_description
1 polymer 'IMMUNOGLOBULIN LAMBDA DIMER MCG (LIGHT CHAIN)'
2 polymer 'PEPTIDE N-ACETYL-L-GLN-D-PHE-L-HIS-D-PRO-B-ALA-B-ALA-OH'
#
loop_
_entity_poly.entity_id
_entity_poly.type
_entity_poly.pdbx_seq_one_letter_code
_entity_poly.pdbx_strand_id
1 'polypeptide(L)'
;PSALTQPPSASGSLGQSVTISCTGTSSDVGGYNYVSWYQQHAGKAPKVIIYEVNKRPSGVPDRFSGSKSGNTASLTVSGL
QAEDEADYYCSSYEGSDNFVFGTGTKVTVLGQPKANPTVTLFPPSSEELQANKATLVCLISDFYPGAVTVAWKADGSPVK
AGVETTKPSKQSNNKYAASSYLSLTPEQWKSHRSYSCQVTHEGSTVEKTVAPTECS
;
A,B
2 'polypeptide(L)' (ACE)QFHP(BAL)(BAL) P
#
loop_
_chem_comp.id
_chem_comp.type
_chem_comp.name
_chem_comp.formula
ACE non-polymer 'ACETYL GROUP' 'C2 H4 O'
BAL peptide-like BETA-ALANINE 'C3 H7 N O2'
#
# COMPACT_ATOMS: atom_id res chain seq x y z
N PRO A 1 7.28 24.04 14.22
CA PRO A 1 6.98 24.90 13.09
C PRO A 1 5.60 25.53 13.17
N SER A 2 4.74 24.88 13.93
CA SER A 2 3.33 25.14 14.13
C SER A 2 2.36 24.85 12.98
N ALA A 3 1.50 23.87 13.24
CA ALA A 3 0.57 23.20 12.36
C ALA A 3 -0.86 23.70 12.37
N LEU A 4 -1.57 23.44 11.25
CA LEU A 4 -2.99 23.82 11.13
C LEU A 4 -3.95 22.86 11.83
N THR A 5 -4.88 23.46 12.57
CA THR A 5 -5.92 22.83 13.39
C THR A 5 -7.10 22.28 12.64
N GLN A 6 -7.25 20.96 12.63
CA GLN A 6 -8.42 20.24 12.09
C GLN A 6 -9.08 19.36 13.16
N PRO A 7 -10.33 18.97 12.86
CA PRO A 7 -10.97 17.77 13.48
C PRO A 7 -10.31 16.49 12.98
N PRO A 8 -10.14 15.50 13.88
CA PRO A 8 -9.57 14.19 13.55
C PRO A 8 -10.49 13.14 12.97
N SER A 9 -11.80 13.28 13.13
CA SER A 9 -12.80 12.50 12.39
C SER A 9 -13.87 13.38 11.74
N ALA A 10 -14.32 12.87 10.58
CA ALA A 10 -15.42 13.60 9.82
C ALA A 10 -16.29 12.50 9.20
N SER A 11 -17.17 12.04 10.10
CA SER A 11 -18.01 10.85 9.83
C SER A 11 -19.23 11.32 9.04
N GLY A 12 -19.46 10.61 7.94
CA GLY A 12 -20.76 10.79 7.21
C GLY A 12 -21.38 9.40 7.00
N SER A 13 -22.59 9.38 6.46
CA SER A 13 -23.22 8.13 5.97
C SER A 13 -23.19 8.01 4.45
N LEU A 14 -23.28 6.78 3.95
CA LEU A 14 -23.17 6.40 2.53
C LEU A 14 -24.20 7.21 1.73
N GLY A 15 -23.68 8.27 1.11
CA GLY A 15 -24.50 9.30 0.47
C GLY A 15 -25.18 10.22 1.49
N GLN A 16 -24.37 11.01 2.17
CA GLN A 16 -24.84 12.16 2.97
C GLN A 16 -24.03 13.39 2.52
N SER A 17 -23.33 14.02 3.45
CA SER A 17 -22.27 15.03 3.11
C SER A 17 -21.30 15.12 4.29
N VAL A 18 -20.12 15.69 4.09
CA VAL A 18 -19.17 15.94 5.17
C VAL A 18 -18.30 17.19 4.96
N THR A 19 -18.24 17.94 6.06
CA THR A 19 -17.41 19.12 6.25
C THR A 19 -16.19 18.64 7.06
N ILE A 20 -15.06 18.77 6.35
CA ILE A 20 -13.77 18.77 7.08
C ILE A 20 -13.31 20.25 7.02
N SER A 21 -13.06 20.76 8.19
CA SER A 21 -12.50 22.09 8.42
C SER A 21 -10.99 21.99 8.67
N CYS A 22 -10.30 23.02 8.22
CA CYS A 22 -8.83 23.16 8.48
C CYS A 22 -8.59 24.63 8.75
N THR A 23 -8.01 24.91 9.93
CA THR A 23 -7.87 26.29 10.44
C THR A 23 -6.47 26.67 10.83
N GLY A 24 -6.14 27.93 10.43
CA GLY A 24 -4.72 28.38 10.53
C GLY A 24 -4.64 29.79 11.10
N THR A 25 -3.77 30.56 10.48
CA THR A 25 -3.58 31.98 10.82
C THR A 25 -3.80 32.89 9.60
N SER A 26 -3.74 34.18 9.88
CA SER A 26 -3.80 35.28 8.92
C SER A 26 -2.52 35.28 8.04
N SER A 27 -1.56 34.50 8.49
CA SER A 27 -0.33 34.21 7.79
C SER A 27 -0.39 33.01 6.85
N ASP A 28 -1.52 32.27 6.87
CA ASP A 28 -1.56 31.05 6.03
C ASP A 28 -2.86 30.69 5.36
N VAL A 29 -3.86 30.37 6.14
CA VAL A 29 -5.18 29.90 5.62
C VAL A 29 -6.09 31.10 5.43
N GLY A 30 -5.46 32.28 5.39
CA GLY A 30 -6.16 33.57 5.50
C GLY A 30 -5.53 34.63 4.64
N GLY A 31 -4.22 34.50 4.43
CA GLY A 31 -3.43 35.41 3.63
C GLY A 31 -3.50 35.18 2.13
N TYR A 32 -3.58 33.93 1.73
CA TYR A 32 -3.42 33.45 0.38
C TYR A 32 -4.49 32.39 0.05
N ASN A 33 -4.91 32.43 -1.19
CA ASN A 33 -5.90 31.47 -1.74
C ASN A 33 -5.10 30.35 -2.41
N TYR A 34 -4.26 29.76 -1.55
CA TYR A 34 -3.27 28.75 -1.94
C TYR A 34 -3.34 27.56 -0.98
N VAL A 35 -4.54 27.19 -0.62
CA VAL A 35 -4.87 26.07 0.27
C VAL A 35 -5.13 24.80 -0.56
N SER A 36 -4.43 23.73 -0.16
CA SER A 36 -4.64 22.43 -0.90
C SER A 36 -5.21 21.33 -0.04
N TRP A 37 -5.93 20.38 -0.68
CA TRP A 37 -6.45 19.19 0.07
C TRP A 37 -6.03 17.87 -0.57
N TYR A 38 -5.57 16.96 0.31
CA TYR A 38 -4.97 15.70 -0.03
C TYR A 38 -5.63 14.47 0.61
N GLN A 39 -5.86 13.53 -0.28
CA GLN A 39 -6.43 12.20 0.00
C GLN A 39 -5.33 11.12 0.01
N GLN A 40 -5.28 10.47 1.19
CA GLN A 40 -4.25 9.41 1.45
C GLN A 40 -4.95 8.31 2.23
N HIS A 41 -4.67 7.08 1.85
CA HIS A 41 -5.35 5.89 2.40
C HIS A 41 -4.65 5.21 3.56
N ALA A 42 -4.21 3.98 3.41
CA ALA A 42 -3.54 3.16 4.45
C ALA A 42 -2.23 2.66 3.84
N GLY A 43 -1.22 3.52 4.01
CA GLY A 43 0.12 3.36 3.50
C GLY A 43 0.33 3.75 2.06
N LYS A 44 -0.72 3.99 1.30
CA LYS A 44 -0.74 4.16 -0.13
C LYS A 44 -0.14 5.45 -0.70
N ALA A 45 0.03 5.41 -2.02
CA ALA A 45 0.48 6.51 -2.88
C ALA A 45 -0.55 7.64 -2.92
N PRO A 46 -0.12 8.87 -2.53
CA PRO A 46 -1.04 9.87 -2.01
C PRO A 46 -1.48 11.08 -2.76
N LYS A 47 -2.63 10.99 -3.41
CA LYS A 47 -3.36 11.92 -4.23
C LYS A 47 -3.75 13.27 -3.66
N VAL A 48 -3.88 14.21 -4.60
CA VAL A 48 -4.32 15.60 -4.38
C VAL A 48 -5.70 15.72 -5.06
N ILE A 49 -6.69 16.11 -4.26
CA ILE A 49 -8.06 16.22 -4.78
C ILE A 49 -8.58 17.60 -5.08
N ILE A 50 -8.12 18.67 -4.45
CA ILE A 50 -8.41 20.06 -4.83
C ILE A 50 -7.25 21.02 -4.53
N TYR A 51 -6.93 21.84 -5.53
CA TYR A 51 -5.67 22.55 -5.68
C TYR A 51 -5.44 24.00 -5.42
N GLU A 52 -6.40 24.86 -5.44
CA GLU A 52 -6.23 26.37 -5.48
C GLU A 52 -7.58 26.88 -4.94
N VAL A 53 -7.58 26.99 -3.62
CA VAL A 53 -8.76 27.15 -2.77
C VAL A 53 -9.87 26.19 -3.18
N ASN A 54 -10.57 26.53 -4.25
CA ASN A 54 -11.76 25.81 -4.67
C ASN A 54 -11.62 24.88 -5.86
N LYS A 55 -10.64 25.07 -6.73
CA LYS A 55 -10.58 24.33 -8.01
C LYS A 55 -9.96 22.95 -8.07
N ARG A 56 -10.66 22.04 -8.78
CA ARG A 56 -10.37 20.63 -8.91
C ARG A 56 -9.49 20.24 -10.12
N PRO A 57 -8.66 19.20 -9.85
CA PRO A 57 -7.96 18.44 -10.86
C PRO A 57 -8.77 17.70 -11.92
N SER A 58 -8.07 17.13 -12.88
CA SER A 58 -8.44 16.38 -14.04
C SER A 58 -9.60 15.41 -14.05
N GLY A 59 -10.02 14.88 -12.92
CA GLY A 59 -11.26 14.07 -12.79
C GLY A 59 -11.47 13.77 -11.31
N VAL A 60 -12.49 14.36 -10.69
CA VAL A 60 -12.84 14.20 -9.29
C VAL A 60 -14.28 14.68 -8.97
N PRO A 61 -15.16 14.43 -9.90
CA PRO A 61 -16.27 15.32 -10.28
C PRO A 61 -16.51 16.67 -9.71
N ASP A 62 -17.75 17.03 -9.35
CA ASP A 62 -18.07 18.29 -8.65
C ASP A 62 -18.75 17.94 -7.29
N ARG A 63 -18.17 16.88 -6.74
CA ARG A 63 -18.60 16.30 -5.46
C ARG A 63 -17.49 16.46 -4.40
N PHE A 64 -16.25 16.54 -4.86
CA PHE A 64 -15.10 16.95 -4.02
C PHE A 64 -14.98 18.49 -4.18
N SER A 65 -15.56 19.15 -3.19
CA SER A 65 -15.79 20.62 -3.26
C SER A 65 -15.24 21.31 -2.02
N GLY A 66 -14.65 22.49 -2.20
CA GLY A 66 -13.97 23.22 -1.15
C GLY A 66 -14.19 24.73 -1.16
N SER A 67 -14.02 25.30 0.03
CA SER A 67 -14.36 26.69 0.36
C SER A 67 -13.48 27.28 1.46
N LYS A 68 -13.25 28.58 1.42
CA LYS A 68 -12.58 29.35 2.51
C LYS A 68 -13.55 30.39 3.08
N SER A 69 -13.35 30.75 4.34
CA SER A 69 -14.24 31.70 5.05
C SER A 69 -13.43 32.92 5.47
N GLY A 70 -12.51 32.72 6.40
CA GLY A 70 -11.46 33.73 6.72
C GLY A 70 -10.17 32.96 7.02
N ASN A 71 -10.02 32.64 8.27
CA ASN A 71 -8.95 31.86 8.88
C ASN A 71 -9.18 30.35 8.76
N THR A 72 -10.37 30.00 8.28
CA THR A 72 -10.81 28.62 8.11
C THR A 72 -11.14 28.26 6.65
N ALA A 73 -10.55 27.14 6.24
CA ALA A 73 -11.00 26.43 5.02
C ALA A 73 -11.89 25.24 5.38
N SER A 74 -12.61 24.74 4.38
CA SER A 74 -13.60 23.67 4.50
C SER A 74 -13.81 22.89 3.21
N LEU A 75 -13.77 21.56 3.35
CA LEU A 75 -13.94 20.59 2.24
C LEU A 75 -15.27 19.84 2.47
N THR A 76 -16.21 20.19 1.64
CA THR A 76 -17.59 19.70 1.73
C THR A 76 -17.81 18.62 0.66
N VAL A 77 -17.30 17.46 1.06
CA VAL A 77 -17.36 16.26 0.20
C VAL A 77 -18.75 15.63 0.27
N SER A 78 -19.40 15.74 -0.88
CA SER A 78 -20.81 15.43 -1.09
C SER A 78 -21.09 14.07 -1.69
N GLY A 79 -22.13 13.42 -1.16
CA GLY A 79 -22.64 12.12 -1.59
C GLY A 79 -21.68 10.95 -1.41
N LEU A 80 -21.49 10.54 -0.16
CA LEU A 80 -20.48 9.59 0.27
C LEU A 80 -20.53 8.26 -0.48
N GLN A 81 -19.32 7.82 -0.85
CA GLN A 81 -19.06 6.70 -1.73
C GLN A 81 -18.63 5.40 -1.11
N ALA A 82 -17.79 5.33 -0.12
CA ALA A 82 -17.18 4.11 0.45
C ALA A 82 -15.67 4.07 0.17
N GLU A 83 -15.36 4.46 -1.06
CA GLU A 83 -14.00 4.61 -1.58
C GLU A 83 -13.26 5.65 -0.75
N ASP A 84 -13.95 6.75 -0.48
CA ASP A 84 -13.41 7.93 0.19
C ASP A 84 -12.89 7.63 1.61
N GLU A 85 -13.11 6.40 2.07
CA GLU A 85 -12.45 6.10 3.42
C GLU A 85 -10.98 6.45 3.39
N ALA A 86 -10.65 7.64 3.95
CA ALA A 86 -9.28 8.18 3.90
C ALA A 86 -8.94 9.28 4.88
N ASP A 87 -7.63 9.48 5.02
CA ASP A 87 -7.00 10.58 5.76
C ASP A 87 -6.84 11.79 4.78
N TYR A 88 -7.55 12.83 5.18
CA TYR A 88 -7.62 14.09 4.46
C TYR A 88 -6.84 15.19 5.19
N TYR A 89 -5.65 15.40 4.61
CA TYR A 89 -4.75 16.47 5.11
C TYR A 89 -4.97 17.71 4.24
N CYS A 90 -4.97 18.83 4.93
CA CYS A 90 -4.98 20.15 4.29
C CYS A 90 -3.54 20.70 4.27
N SER A 91 -3.44 21.80 3.50
CA SER A 91 -2.19 22.60 3.49
C SER A 91 -2.51 24.05 3.16
N SER A 92 -1.48 24.90 3.30
CA SER A 92 -1.48 26.29 2.86
C SER A 92 -0.09 26.92 2.93
N TYR A 93 0.12 27.94 2.11
CA TYR A 93 1.39 28.67 1.97
C TYR A 93 1.62 29.60 3.17
N GLU A 94 2.83 29.54 3.73
CA GLU A 94 3.22 30.37 4.88
C GLU A 94 3.69 31.76 4.44
N GLY A 95 4.30 31.75 3.26
CA GLY A 95 5.23 32.82 2.85
C GLY A 95 6.64 32.23 2.78
N SER A 96 7.52 33.05 2.21
CA SER A 96 8.94 32.83 2.03
C SER A 96 9.30 31.45 1.52
N ASP A 97 8.42 30.94 0.69
CA ASP A 97 8.49 29.71 -0.05
C ASP A 97 7.94 28.48 0.66
N ASN A 98 7.95 28.43 1.98
CA ASN A 98 7.49 27.25 2.75
C ASN A 98 5.99 27.09 2.95
N PHE A 99 5.54 25.83 2.97
CA PHE A 99 4.18 25.33 3.09
C PHE A 99 3.81 24.58 4.38
N VAL A 100 2.71 24.99 4.99
CA VAL A 100 2.22 24.45 6.28
C VAL A 100 0.95 23.61 6.19
N PHE A 101 0.95 22.49 6.94
CA PHE A 101 0.01 21.39 6.84
C PHE A 101 -0.87 21.12 8.07
N GLY A 102 -1.94 20.35 7.77
CA GLY A 102 -2.92 19.90 8.76
C GLY A 102 -2.65 18.63 9.52
N THR A 103 -3.31 18.49 10.67
CA THR A 103 -3.24 17.41 11.65
C THR A 103 -3.78 16.06 11.26
N GLY A 104 -3.38 15.02 12.02
CA GLY A 104 -3.61 13.61 11.79
C GLY A 104 -5.05 13.11 11.83
N THR A 105 -5.59 12.76 10.65
CA THR A 105 -7.02 12.70 10.36
C THR A 105 -7.62 11.39 9.89
N LYS A 106 -8.95 11.43 9.56
CA LYS A 106 -9.70 10.24 9.12
C LYS A 106 -11.21 10.45 9.01
N VAL A 107 -11.73 10.04 7.82
CA VAL A 107 -13.19 10.13 7.60
C VAL A 107 -13.74 8.69 7.72
N THR A 108 -14.73 8.65 8.63
CA THR A 108 -15.42 7.24 8.69
C THR A 108 -16.73 7.38 7.95
N VAL A 109 -16.86 6.56 6.90
CA VAL A 109 -18.05 6.47 6.03
C VAL A 109 -18.91 5.32 6.55
N LEU A 110 -20.04 5.70 7.11
CA LEU A 110 -20.92 4.80 7.86
C LEU A 110 -22.01 4.21 7.00
N GLY A 111 -22.52 3.06 7.46
CA GLY A 111 -23.54 2.26 6.84
C GLY A 111 -23.23 1.57 5.53
N GLN A 112 -22.02 1.07 5.37
CA GLN A 112 -21.64 0.17 4.27
C GLN A 112 -21.94 -1.28 4.68
N PRO A 113 -22.30 -2.11 3.71
CA PRO A 113 -22.70 -3.50 3.95
C PRO A 113 -21.58 -4.42 4.38
N LYS A 114 -22.00 -5.58 4.87
CA LYS A 114 -21.13 -6.58 5.50
C LYS A 114 -20.93 -7.75 4.56
N ALA A 115 -19.64 -8.05 4.38
CA ALA A 115 -19.25 -9.18 3.51
C ALA A 115 -18.63 -10.26 4.39
N ASN A 116 -19.18 -11.44 4.22
CA ASN A 116 -18.71 -12.71 4.77
C ASN A 116 -17.75 -13.32 3.72
N PRO A 117 -16.67 -13.93 4.18
CA PRO A 117 -15.45 -14.06 3.39
C PRO A 117 -15.48 -15.08 2.28
N THR A 118 -14.60 -14.77 1.26
CA THR A 118 -14.22 -15.94 0.37
C THR A 118 -12.86 -16.42 0.90
N VAL A 119 -12.95 -17.66 1.34
CA VAL A 119 -11.84 -18.42 1.93
C VAL A 119 -11.37 -19.35 0.79
N THR A 120 -10.15 -19.04 0.40
CA THR A 120 -9.49 -19.85 -0.68
C THR A 120 -8.24 -20.43 -0.03
N LEU A 121 -8.21 -21.73 0.06
CA LEU A 121 -7.13 -22.51 0.70
C LEU A 121 -6.43 -23.31 -0.40
N PHE A 122 -5.11 -23.27 -0.38
CA PHE A 122 -4.33 -23.90 -1.46
C PHE A 122 -3.52 -25.11 -1.02
N PRO A 123 -3.16 -25.95 -1.98
CA PRO A 123 -2.06 -26.94 -1.85
C PRO A 123 -0.69 -26.23 -1.92
N PRO A 124 0.34 -26.94 -1.45
CA PRO A 124 1.74 -26.63 -1.79
C PRO A 124 2.00 -27.02 -3.24
N SER A 125 2.73 -26.19 -3.96
CA SER A 125 3.04 -26.35 -5.38
C SER A 125 4.15 -27.33 -5.71
N SER A 126 4.14 -27.71 -6.99
CA SER A 126 5.15 -28.54 -7.66
C SER A 126 6.25 -27.62 -8.24
N GLU A 127 6.91 -27.03 -7.27
CA GLU A 127 8.04 -26.12 -7.33
C GLU A 127 8.65 -26.24 -5.90
N GLU A 128 7.73 -26.16 -4.95
CA GLU A 128 7.93 -26.16 -3.52
C GLU A 128 8.27 -27.53 -2.95
N LEU A 129 7.55 -28.51 -3.50
CA LEU A 129 7.70 -29.91 -2.99
C LEU A 129 9.02 -30.49 -3.52
N GLN A 130 9.37 -29.90 -4.66
CA GLN A 130 10.57 -30.21 -5.43
C GLN A 130 11.77 -29.49 -4.79
N ALA A 131 11.41 -28.48 -4.00
CA ALA A 131 12.39 -27.73 -3.20
C ALA A 131 12.56 -28.37 -1.82
N ASN A 132 11.73 -29.36 -1.59
CA ASN A 132 11.62 -30.02 -0.27
C ASN A 132 11.32 -28.95 0.79
N LYS A 133 10.06 -28.57 0.77
CA LYS A 133 9.38 -27.60 1.64
C LYS A 133 7.88 -27.68 1.27
N ALA A 134 7.04 -27.24 2.20
CA ALA A 134 5.57 -27.26 1.97
C ALA A 134 4.96 -26.10 2.76
N THR A 135 4.10 -25.34 2.14
CA THR A 135 3.46 -24.16 2.73
C THR A 135 2.10 -23.99 2.07
N LEU A 136 1.14 -23.64 2.94
CA LEU A 136 -0.24 -23.47 2.43
C LEU A 136 -0.82 -22.15 2.92
N VAL A 137 -1.28 -21.41 1.92
CA VAL A 137 -1.93 -20.11 2.06
C VAL A 137 -3.45 -20.33 2.19
N CYS A 138 -3.95 -19.68 3.24
CA CYS A 138 -5.38 -19.42 3.43
C CYS A 138 -5.56 -17.91 3.18
N LEU A 139 -6.14 -17.66 2.01
CA LEU A 139 -6.54 -16.33 1.54
C LEU A 139 -7.96 -16.02 2.04
N ILE A 140 -8.09 -14.84 2.63
CA ILE A 140 -9.34 -14.33 3.19
C ILE A 140 -9.67 -12.96 2.58
N SER A 141 -10.59 -13.10 1.62
CA SER A 141 -11.02 -12.11 0.68
C SER A 141 -12.33 -11.38 0.93
N ASP A 142 -12.32 -10.19 0.34
CA ASP A 142 -13.30 -9.17 0.17
C ASP A 142 -14.42 -9.08 1.20
N PHE A 143 -13.98 -9.06 2.44
CA PHE A 143 -14.81 -9.09 3.65
C PHE A 143 -14.89 -7.72 4.32
N TYR A 144 -16.07 -7.49 4.91
CA TYR A 144 -16.24 -6.29 5.81
C TYR A 144 -17.07 -6.70 7.01
N PRO A 145 -16.83 -6.23 8.24
CA PRO A 145 -15.68 -5.51 8.73
C PRO A 145 -14.35 -6.25 8.85
N GLY A 146 -13.27 -5.48 9.07
CA GLY A 146 -11.88 -5.96 9.09
C GLY A 146 -11.52 -6.57 10.44
N ALA A 147 -12.16 -7.67 10.68
CA ALA A 147 -12.01 -8.57 11.82
C ALA A 147 -12.32 -9.96 11.23
N VAL A 148 -11.39 -10.84 11.48
CA VAL A 148 -11.46 -12.27 11.16
C VAL A 148 -10.52 -12.90 12.20
N THR A 149 -10.91 -14.08 12.65
CA THR A 149 -9.95 -14.87 13.47
C THR A 149 -9.75 -16.25 12.85
N VAL A 150 -8.54 -16.35 12.31
CA VAL A 150 -8.05 -17.53 11.62
C VAL A 150 -7.50 -18.55 12.65
N ALA A 151 -7.76 -19.79 12.31
CA ALA A 151 -7.27 -20.96 13.05
C ALA A 151 -7.08 -22.11 12.06
N TRP A 152 -6.09 -22.95 12.31
CA TRP A 152 -5.76 -24.10 11.45
C TRP A 152 -5.83 -25.43 12.23
N LYS A 153 -5.99 -26.49 11.42
CA LYS A 153 -5.94 -27.84 12.01
C LYS A 153 -5.34 -28.90 11.10
N ALA A 154 -4.77 -29.87 11.81
CA ALA A 154 -4.18 -31.11 11.32
C ALA A 154 -5.15 -32.24 11.77
N ASP A 155 -5.72 -32.81 10.73
CA ASP A 155 -6.76 -33.83 10.79
C ASP A 155 -7.96 -33.54 11.65
N GLY A 156 -7.87 -32.69 12.64
CA GLY A 156 -9.00 -32.24 13.44
C GLY A 156 -8.61 -31.59 14.75
N SER A 157 -7.31 -31.59 15.04
CA SER A 157 -6.82 -31.05 16.33
C SER A 157 -5.71 -30.02 16.12
N PRO A 158 -5.91 -28.81 16.67
CA PRO A 158 -5.30 -27.58 16.18
C PRO A 158 -3.82 -27.52 15.87
N VAL A 159 -3.48 -26.61 14.94
CA VAL A 159 -2.11 -26.19 14.65
C VAL A 159 -1.95 -24.72 15.08
N LYS A 160 -1.09 -24.55 16.04
CA LYS A 160 -0.69 -23.26 16.65
C LYS A 160 0.85 -23.42 16.77
N ALA A 161 1.49 -22.93 15.73
CA ALA A 161 2.90 -23.05 15.43
C ALA A 161 3.08 -23.75 14.07
N GLY A 162 3.62 -22.95 13.17
CA GLY A 162 3.63 -23.24 11.72
C GLY A 162 2.95 -22.00 11.09
N VAL A 163 1.92 -21.56 11.81
CA VAL A 163 0.96 -20.54 11.36
C VAL A 163 1.49 -19.13 11.55
N GLU A 164 1.18 -18.31 10.55
CA GLU A 164 1.50 -16.86 10.59
C GLU A 164 0.52 -16.06 9.76
N THR A 165 -0.44 -15.50 10.50
CA THR A 165 -1.58 -14.76 9.99
C THR A 165 -1.40 -13.25 10.01
N THR A 166 -1.40 -12.70 8.81
CA THR A 166 -1.38 -11.28 8.50
C THR A 166 -2.59 -10.52 9.01
N LYS A 167 -2.43 -9.22 9.17
CA LYS A 167 -3.45 -8.27 9.58
C LYS A 167 -4.36 -7.80 8.44
N PRO A 168 -5.44 -7.08 8.84
CA PRO A 168 -6.38 -6.47 7.90
C PRO A 168 -5.89 -5.25 7.15
N SER A 169 -6.24 -5.21 5.86
CA SER A 169 -5.90 -4.16 4.91
C SER A 169 -6.82 -4.15 3.68
N LYS A 170 -7.10 -2.92 3.26
CA LYS A 170 -8.06 -2.51 2.25
C LYS A 170 -7.68 -2.91 0.83
N GLN A 171 -8.69 -3.39 0.12
CA GLN A 171 -8.57 -3.93 -1.23
C GLN A 171 -8.55 -2.90 -2.36
N SER A 172 -8.94 -1.69 -2.05
CA SER A 172 -9.22 -0.63 -3.04
C SER A 172 -10.55 -0.93 -3.75
N ASN A 173 -11.23 -1.94 -3.23
CA ASN A 173 -12.72 -2.03 -3.42
C ASN A 173 -13.28 -1.48 -2.08
N ASN A 174 -12.33 -1.08 -1.26
CA ASN A 174 -12.42 -0.59 0.09
C ASN A 174 -13.05 -1.52 1.13
N LYS A 175 -13.16 -2.80 0.79
CA LYS A 175 -13.29 -3.90 1.79
C LYS A 175 -11.92 -4.44 2.19
N TYR A 176 -11.85 -5.67 2.74
CA TYR A 176 -10.56 -6.21 3.24
C TYR A 176 -10.06 -7.49 2.60
N ALA A 177 -8.71 -7.70 2.73
CA ALA A 177 -8.00 -8.74 1.99
C ALA A 177 -7.19 -9.81 2.63
N ALA A 178 -6.73 -9.86 3.80
CA ALA A 178 -5.90 -10.66 4.64
C ALA A 178 -5.58 -12.13 4.39
N SER A 179 -4.36 -12.58 4.81
CA SER A 179 -3.89 -13.96 4.69
C SER A 179 -3.28 -14.63 5.92
N SER A 180 -2.91 -15.94 5.71
CA SER A 180 -2.33 -16.81 6.76
C SER A 180 -1.58 -17.99 6.13
N TYR A 181 -0.33 -18.17 6.57
CA TYR A 181 0.47 -19.32 6.04
C TYR A 181 0.81 -20.36 7.11
N LEU A 182 0.72 -21.62 6.67
CA LEU A 182 1.17 -22.77 7.53
C LEU A 182 2.29 -23.51 6.80
N SER A 183 3.49 -23.37 7.34
CA SER A 183 4.74 -23.85 6.77
C SER A 183 5.23 -25.17 7.37
N LEU A 184 5.17 -26.18 6.54
CA LEU A 184 5.50 -27.55 6.74
C LEU A 184 6.77 -27.99 5.97
N THR A 185 7.15 -29.20 6.35
CA THR A 185 8.09 -30.05 5.60
C THR A 185 7.31 -31.23 4.99
N PRO A 186 7.50 -31.44 3.69
CA PRO A 186 6.63 -32.28 2.87
C PRO A 186 6.31 -33.68 3.34
N GLU A 187 6.99 -34.13 4.37
CA GLU A 187 6.79 -35.40 5.07
C GLU A 187 5.60 -35.29 6.03
N GLN A 188 5.56 -34.12 6.63
CA GLN A 188 4.53 -33.64 7.54
C GLN A 188 3.22 -33.28 6.82
N TRP A 189 3.32 -33.21 5.50
CA TRP A 189 2.18 -32.82 4.63
C TRP A 189 1.59 -34.14 4.10
N LYS A 190 2.53 -34.93 3.54
CA LYS A 190 2.12 -36.19 2.90
C LYS A 190 1.64 -37.27 3.85
N SER A 191 1.94 -37.13 5.14
CA SER A 191 1.41 -38.08 6.14
C SER A 191 -0.07 -38.14 6.34
N HIS A 192 -0.81 -37.05 6.27
CA HIS A 192 -2.18 -36.89 6.76
C HIS A 192 -3.36 -37.21 5.88
N ARG A 193 -4.53 -36.95 6.47
CA ARG A 193 -5.87 -37.03 5.80
C ARG A 193 -6.33 -35.62 5.43
N SER A 194 -6.79 -34.85 6.40
CA SER A 194 -7.14 -33.42 6.26
C SER A 194 -6.12 -32.47 6.85
N TYR A 195 -6.08 -31.28 6.24
CA TYR A 195 -5.34 -30.10 6.64
C TYR A 195 -6.27 -28.91 6.29
N SER A 196 -6.88 -28.39 7.36
CA SER A 196 -7.95 -27.39 7.17
C SER A 196 -7.62 -26.00 7.69
N CYS A 197 -8.34 -25.04 7.10
CA CYS A 197 -8.30 -23.63 7.50
C CYS A 197 -9.73 -23.24 7.94
N GLN A 198 -9.82 -22.85 9.18
CA GLN A 198 -11.04 -22.41 9.89
C GLN A 198 -11.00 -20.93 10.26
N VAL A 199 -11.85 -20.12 9.63
CA VAL A 199 -11.84 -18.64 9.81
C VAL A 199 -13.18 -18.14 10.34
N THR A 200 -13.08 -17.30 11.38
CA THR A 200 -14.26 -16.82 12.14
C THR A 200 -14.53 -15.35 11.76
N HIS A 201 -15.58 -15.21 10.97
CA HIS A 201 -16.09 -13.88 10.60
C HIS A 201 -17.49 -13.63 11.15
N GLU A 202 -17.50 -12.70 12.09
CA GLU A 202 -18.65 -12.07 12.73
C GLU A 202 -19.71 -13.07 13.17
N GLY A 203 -19.21 -14.02 13.95
CA GLY A 203 -19.98 -15.08 14.58
C GLY A 203 -20.36 -16.15 13.58
N SER A 204 -19.44 -16.44 12.66
CA SER A 204 -19.61 -17.61 11.76
C SER A 204 -18.26 -18.14 11.33
N THR A 205 -18.14 -19.45 11.48
CA THR A 205 -16.98 -20.20 10.96
C THR A 205 -17.15 -20.50 9.48
N VAL A 206 -16.05 -20.38 8.76
CA VAL A 206 -15.86 -20.76 7.37
C VAL A 206 -14.54 -21.58 7.40
N GLU A 207 -14.79 -22.86 7.36
CA GLU A 207 -13.75 -23.88 7.31
C GLU A 207 -13.72 -24.43 5.89
N LYS A 208 -12.53 -24.38 5.33
CA LYS A 208 -12.22 -25.11 4.08
C LYS A 208 -11.25 -26.24 4.45
N THR A 209 -11.26 -27.26 3.62
CA THR A 209 -10.39 -28.43 3.76
C THR A 209 -9.48 -28.62 2.54
N VAL A 210 -8.27 -29.09 2.86
CA VAL A 210 -7.36 -29.56 1.77
C VAL A 210 -6.67 -30.84 2.21
N ALA A 211 -6.38 -31.67 1.20
CA ALA A 211 -5.85 -33.01 1.36
C ALA A 211 -4.71 -33.35 0.41
N PRO A 212 -3.95 -34.39 0.82
CA PRO A 212 -3.02 -35.12 -0.02
C PRO A 212 -3.46 -35.61 -1.38
N THR A 213 -4.08 -36.78 -1.46
CA THR A 213 -4.15 -37.63 -2.66
C THR A 213 -4.64 -37.01 -3.94
N GLU A 214 -3.75 -36.22 -4.51
CA GLU A 214 -3.92 -35.38 -5.72
C GLU A 214 -2.68 -35.58 -6.63
N CYS A 215 -2.66 -34.88 -7.73
CA CYS A 215 -1.65 -34.99 -8.80
C CYS A 215 -0.35 -34.25 -8.55
N SER A 216 0.22 -34.29 -7.32
CA SER A 216 1.34 -33.38 -6.95
C SER A 216 2.19 -33.73 -5.75
N PRO B 1 -3.55 11.51 -10.52
CA PRO B 1 -2.94 10.72 -11.60
C PRO B 1 -1.99 9.68 -11.11
N SER B 2 -0.88 9.42 -11.84
CA SER B 2 -0.10 8.20 -11.64
C SER B 2 1.38 8.16 -11.36
N ALA B 3 2.26 8.12 -12.37
CA ALA B 3 3.59 7.52 -12.32
C ALA B 3 4.88 8.24 -12.01
N LEU B 4 5.34 8.04 -10.78
CA LEU B 4 6.70 8.30 -10.27
C LEU B 4 7.05 7.08 -9.38
N THR B 5 8.10 6.40 -9.81
CA THR B 5 8.50 5.12 -9.20
C THR B 5 9.85 5.10 -8.52
N GLN B 6 9.77 5.20 -7.20
CA GLN B 6 10.82 5.04 -6.21
C GLN B 6 10.90 3.66 -5.55
N PRO B 7 12.07 3.39 -4.94
CA PRO B 7 12.30 2.28 -4.00
C PRO B 7 11.23 2.03 -2.97
N PRO B 8 11.02 0.75 -2.63
CA PRO B 8 10.05 0.31 -1.62
C PRO B 8 10.53 0.50 -0.20
N SER B 9 11.64 -0.12 0.14
CA SER B 9 12.37 0.17 1.38
C SER B 9 13.78 0.72 1.03
N ALA B 10 14.10 1.78 1.78
CA ALA B 10 15.48 2.30 1.86
C ALA B 10 15.88 2.27 3.34
N SER B 11 16.80 1.37 3.63
CA SER B 11 17.35 1.09 4.95
C SER B 11 18.72 1.70 5.22
N GLY B 12 19.07 1.72 6.51
CA GLY B 12 20.30 2.34 7.01
C GLY B 12 20.44 2.34 8.51
N SER B 13 21.64 1.94 8.95
CA SER B 13 22.07 2.04 10.35
C SER B 13 22.44 3.49 10.71
N LEU B 14 22.33 3.80 11.98
CA LEU B 14 22.37 5.16 12.54
C LEU B 14 23.75 5.81 12.41
N GLY B 15 23.88 6.65 11.39
CA GLY B 15 25.24 7.11 10.95
C GLY B 15 25.34 6.92 9.43
N GLN B 16 25.38 5.68 9.04
CA GLN B 16 25.40 5.20 7.64
C GLN B 16 24.30 5.86 6.82
N SER B 17 24.71 6.74 5.90
CA SER B 17 23.88 7.57 5.06
C SER B 17 23.00 6.76 4.10
N VAL B 18 21.87 7.37 3.72
CA VAL B 18 20.91 6.71 2.79
C VAL B 18 20.50 7.65 1.67
N THR B 19 20.35 7.09 0.47
CA THR B 19 19.83 7.83 -0.69
C THR B 19 18.50 7.22 -1.15
N ILE B 20 17.57 8.16 -1.39
CA ILE B 20 16.24 7.72 -1.95
C ILE B 20 16.15 8.28 -3.37
N SER B 21 16.23 7.41 -4.37
CA SER B 21 16.19 7.77 -5.80
C SER B 21 14.79 7.59 -6.39
N CYS B 22 14.23 8.63 -7.00
CA CYS B 22 12.89 8.54 -7.64
C CYS B 22 12.94 8.75 -9.16
N THR B 23 12.62 7.65 -9.90
CA THR B 23 12.59 7.75 -11.38
C THR B 23 11.20 8.11 -11.89
N GLY B 24 11.14 8.82 -13.04
CA GLY B 24 9.84 9.17 -13.66
C GLY B 24 9.50 8.53 -14.98
N THR B 25 8.35 8.93 -15.56
CA THR B 25 7.85 8.46 -16.84
C THR B 25 7.84 9.44 -18.02
N SER B 26 8.09 8.87 -19.19
CA SER B 26 8.34 9.44 -20.49
C SER B 26 7.48 10.55 -21.06
N SER B 27 7.57 11.73 -20.48
CA SER B 27 6.82 12.95 -20.84
C SER B 27 6.15 13.59 -19.61
N ASP B 28 6.65 14.77 -19.25
CA ASP B 28 6.35 15.55 -18.06
C ASP B 28 7.61 15.53 -17.15
N VAL B 29 8.06 14.28 -16.99
CA VAL B 29 9.09 13.97 -15.97
C VAL B 29 10.49 13.89 -16.59
N GLY B 30 10.80 14.97 -17.33
CA GLY B 30 12.06 15.10 -18.06
C GLY B 30 12.74 16.43 -17.83
N GLY B 31 12.29 17.41 -18.60
CA GLY B 31 12.87 18.78 -18.62
C GLY B 31 12.06 19.59 -17.57
N TYR B 32 12.17 19.05 -16.37
CA TYR B 32 11.38 19.50 -15.22
C TYR B 32 12.31 19.78 -14.04
N ASN B 33 12.46 21.08 -13.85
CA ASN B 33 13.19 21.67 -12.71
C ASN B 33 12.05 22.10 -11.74
N TYR B 34 11.28 21.08 -11.37
CA TYR B 34 10.64 21.08 -10.04
C TYR B 34 11.09 19.77 -9.36
N VAL B 35 10.15 19.05 -8.79
CA VAL B 35 10.34 17.94 -7.88
C VAL B 35 10.61 18.49 -6.46
N SER B 36 9.56 18.38 -5.65
CA SER B 36 9.68 18.51 -4.17
C SER B 36 9.75 17.12 -3.52
N TRP B 37 9.92 17.13 -2.20
CA TRP B 37 10.04 15.92 -1.38
C TRP B 37 9.43 16.16 0.02
N TYR B 38 8.80 15.10 0.51
CA TYR B 38 8.06 15.06 1.76
C TYR B 38 8.51 13.95 2.71
N GLN B 39 8.18 14.16 3.98
CA GLN B 39 8.38 13.11 5.04
C GLN B 39 7.11 12.99 5.87
N GLN B 40 6.72 11.76 6.20
CA GLN B 40 5.46 11.37 6.89
C GLN B 40 5.80 10.23 7.87
N HIS B 41 5.64 10.53 9.15
CA HIS B 41 6.28 9.96 10.30
C HIS B 41 5.85 8.72 11.02
N ALA B 42 4.70 8.76 11.65
CA ALA B 42 4.03 7.68 12.42
C ALA B 42 2.53 7.86 12.06
N GLY B 43 1.83 8.59 12.91
CA GLY B 43 0.53 9.16 12.58
C GLY B 43 0.51 10.57 12.05
N LYS B 44 1.47 11.40 12.34
CA LYS B 44 1.58 12.82 12.10
C LYS B 44 1.40 13.40 10.71
N ALA B 45 1.42 14.74 10.67
CA ALA B 45 1.35 15.60 9.49
C ALA B 45 2.65 15.56 8.67
N PRO B 46 2.45 15.45 7.34
CA PRO B 46 3.54 15.53 6.36
C PRO B 46 4.28 16.85 6.38
N LYS B 47 5.59 16.75 6.14
CA LYS B 47 6.48 17.93 6.12
C LYS B 47 7.23 18.01 4.79
N VAL B 48 7.53 19.23 4.37
CA VAL B 48 8.29 19.55 3.16
C VAL B 48 9.78 19.64 3.53
N ILE B 49 10.54 18.75 2.92
CA ILE B 49 11.98 18.65 3.24
C ILE B 49 12.81 19.28 2.14
N ILE B 50 12.51 18.95 0.90
CA ILE B 50 13.12 19.65 -0.25
C ILE B 50 11.98 20.24 -1.09
N TYR B 51 12.25 21.44 -1.60
CA TYR B 51 11.41 22.06 -2.65
C TYR B 51 12.27 22.44 -3.84
N GLU B 52 11.65 22.43 -5.01
CA GLU B 52 12.11 22.59 -6.35
C GLU B 52 13.54 22.15 -6.63
N VAL B 53 13.65 20.87 -6.99
CA VAL B 53 14.84 20.08 -7.19
C VAL B 53 15.73 19.96 -5.94
N ASN B 54 16.23 21.09 -5.46
CA ASN B 54 17.32 21.07 -4.48
C ASN B 54 17.21 21.95 -3.27
N LYS B 55 16.43 23.00 -3.25
CA LYS B 55 16.33 23.93 -2.09
C LYS B 55 15.61 23.37 -0.88
N ARG B 56 15.85 23.95 0.30
CA ARG B 56 15.20 23.55 1.56
C ARG B 56 14.32 24.60 2.20
N PRO B 57 13.38 24.10 3.02
CA PRO B 57 12.64 24.87 4.02
C PRO B 57 13.34 25.24 5.31
N SER B 58 12.69 26.17 6.02
CA SER B 58 13.19 26.94 7.15
C SER B 58 13.72 26.08 8.28
N GLY B 59 12.84 25.35 8.93
CA GLY B 59 13.18 24.37 9.95
C GLY B 59 13.69 23.05 9.39
N VAL B 60 14.63 23.11 8.42
CA VAL B 60 15.16 21.83 7.87
C VAL B 60 16.69 21.80 7.97
N PRO B 61 17.21 20.70 8.51
CA PRO B 61 18.62 20.45 8.66
C PRO B 61 19.46 20.30 7.41
N ASP B 62 20.68 20.74 7.62
CA ASP B 62 21.92 20.53 6.91
C ASP B 62 22.24 19.09 6.49
N ARG B 63 21.49 18.15 7.02
CA ARG B 63 21.48 16.74 6.73
C ARG B 63 20.99 16.22 5.38
N PHE B 64 19.99 16.83 4.79
CA PHE B 64 19.19 16.39 3.65
C PHE B 64 19.60 16.90 2.29
N SER B 65 19.72 16.00 1.26
CA SER B 65 20.16 16.53 -0.07
C SER B 65 19.65 15.93 -1.36
N GLY B 66 18.88 16.73 -2.11
CA GLY B 66 18.13 16.31 -3.31
C GLY B 66 18.85 16.71 -4.59
N SER B 67 18.76 15.85 -5.62
CA SER B 67 19.50 16.21 -6.88
C SER B 67 18.91 15.71 -8.18
N LYS B 68 19.56 16.10 -9.29
CA LYS B 68 19.24 15.75 -10.67
C LYS B 68 20.22 14.71 -11.27
N SER B 69 19.64 13.89 -12.13
CA SER B 69 20.44 13.03 -13.06
C SER B 69 19.88 13.48 -14.42
N GLY B 70 18.65 13.03 -14.63
CA GLY B 70 17.80 13.41 -15.76
C GLY B 70 16.35 12.95 -15.46
N ASN B 71 16.23 11.66 -15.31
CA ASN B 71 15.02 10.91 -15.00
C ASN B 71 14.80 10.76 -13.48
N THR B 72 15.94 10.68 -12.82
CA THR B 72 16.03 10.37 -11.40
C THR B 72 16.45 11.61 -10.60
N ALA B 73 15.65 11.71 -9.52
CA ALA B 73 15.88 12.78 -8.51
C ALA B 73 16.22 12.02 -7.22
N SER B 74 17.42 12.28 -6.72
CA SER B 74 17.86 11.59 -5.47
C SER B 74 17.44 12.38 -4.22
N LEU B 75 17.69 11.74 -3.05
CA LEU B 75 17.63 12.42 -1.75
C LEU B 75 18.55 11.76 -0.70
N THR B 76 19.78 12.24 -0.63
CA THR B 76 20.83 11.72 0.25
C THR B 76 20.82 12.35 1.66
N VAL B 77 20.22 11.57 2.54
CA VAL B 77 20.25 11.80 4.00
C VAL B 77 21.66 11.35 4.46
N SER B 78 22.36 12.35 4.99
CA SER B 78 23.77 12.15 5.42
C SER B 78 23.84 12.42 6.92
N GLY B 79 24.05 11.34 7.67
CA GLY B 79 24.13 11.34 9.11
C GLY B 79 23.03 10.68 9.88
N LEU B 80 22.39 9.67 9.32
CA LEU B 80 21.19 9.01 9.76
C LEU B 80 20.91 8.96 11.26
N GLN B 81 19.64 9.23 11.53
CA GLN B 81 19.03 9.37 12.84
C GLN B 81 17.73 8.56 13.02
N ALA B 82 17.47 8.24 14.29
CA ALA B 82 16.17 7.72 14.74
C ALA B 82 15.04 8.73 14.54
N GLU B 83 15.41 10.01 14.64
CA GLU B 83 14.55 11.14 14.31
C GLU B 83 14.14 11.08 12.82
N ASP B 84 15.08 10.63 11.98
CA ASP B 84 14.82 10.58 10.53
C ASP B 84 13.88 9.46 10.11
N GLU B 85 13.56 8.51 10.99
CA GLU B 85 12.66 7.37 10.59
C GLU B 85 11.26 7.75 10.20
N ALA B 86 10.80 7.29 9.02
CA ALA B 86 9.59 7.76 8.35
C ALA B 86 9.37 7.21 6.93
N ASP B 87 8.13 7.39 6.43
CA ASP B 87 7.81 7.24 4.99
C ASP B 87 8.11 8.57 4.27
N TYR B 88 8.57 8.51 3.02
CA TYR B 88 8.96 9.71 2.27
C TYR B 88 8.47 9.64 0.80
N TYR B 89 8.11 10.83 0.30
CA TYR B 89 7.48 10.95 -1.03
C TYR B 89 7.97 12.10 -1.91
N CYS B 90 8.18 11.84 -3.20
CA CYS B 90 8.61 12.78 -4.22
C CYS B 90 7.47 13.26 -5.11
N SER B 91 7.47 14.56 -5.41
CA SER B 91 6.40 15.21 -6.19
C SER B 91 6.77 15.76 -7.56
N SER B 92 5.87 16.58 -8.11
CA SER B 92 5.92 17.23 -9.43
C SER B 92 4.57 17.85 -9.83
N TYR B 93 4.56 18.59 -10.96
CA TYR B 93 3.29 18.92 -11.64
C TYR B 93 3.29 18.83 -13.17
N GLU B 94 2.06 18.82 -13.70
CA GLU B 94 1.70 18.97 -15.12
C GLU B 94 0.25 19.49 -15.24
N GLY B 95 -0.24 19.67 -16.46
CA GLY B 95 -1.45 20.50 -16.77
C GLY B 95 -1.20 21.95 -16.30
N SER B 96 -1.93 22.31 -15.29
CA SER B 96 -1.62 23.40 -14.32
C SER B 96 -1.65 22.49 -13.05
N ASP B 97 -2.88 22.02 -12.80
CA ASP B 97 -3.11 20.79 -12.03
C ASP B 97 -3.06 19.54 -12.93
N ASN B 98 -2.46 18.51 -12.39
CA ASN B 98 -2.14 17.19 -12.87
C ASN B 98 -0.72 16.88 -12.28
N PHE B 99 -0.73 16.74 -10.96
CA PHE B 99 0.53 16.70 -10.20
C PHE B 99 0.81 15.30 -9.60
N VAL B 100 1.97 14.79 -10.08
CA VAL B 100 2.34 13.39 -9.79
C VAL B 100 3.27 13.21 -8.60
N PHE B 101 2.89 12.18 -7.83
CA PHE B 101 3.42 11.71 -6.57
C PHE B 101 4.08 10.33 -6.68
N GLY B 102 5.08 10.12 -5.85
CA GLY B 102 5.89 8.91 -5.77
C GLY B 102 5.18 7.72 -5.17
N THR B 103 5.74 6.53 -5.43
CA THR B 103 5.17 5.28 -4.90
C THR B 103 5.47 5.02 -3.43
N GLY B 104 6.31 5.83 -2.82
CA GLY B 104 6.57 5.84 -1.38
C GLY B 104 7.83 5.08 -1.03
N THR B 105 8.51 5.57 0.02
CA THR B 105 9.70 4.87 0.53
C THR B 105 9.85 5.00 2.05
N LYS B 106 9.88 3.83 2.67
CA LYS B 106 10.24 3.68 4.09
C LYS B 106 11.73 4.02 4.23
N VAL B 107 12.02 4.68 5.33
CA VAL B 107 13.45 4.84 5.75
C VAL B 107 13.52 4.15 7.11
N THR B 108 14.40 3.16 7.11
CA THR B 108 14.51 2.31 8.33
C THR B 108 15.89 2.36 8.94
N VAL B 109 15.85 2.50 10.27
CA VAL B 109 17.07 2.42 11.10
C VAL B 109 17.04 0.93 11.54
N LEU B 110 18.08 0.27 11.02
CA LEU B 110 18.15 -1.21 11.24
C LEU B 110 18.29 -1.55 12.72
N GLY B 111 17.31 -2.28 13.22
CA GLY B 111 17.27 -2.84 14.57
C GLY B 111 17.23 -4.38 14.53
N GLN B 112 17.19 -4.89 13.32
CA GLN B 112 17.20 -6.35 13.02
C GLN B 112 17.90 -6.53 11.69
N PRO B 113 18.56 -7.67 11.48
CA PRO B 113 19.21 -8.01 10.20
C PRO B 113 18.31 -7.95 8.98
N LYS B 114 18.92 -7.72 7.81
CA LYS B 114 18.26 -7.62 6.51
C LYS B 114 17.94 -8.98 5.92
N ALA B 115 16.67 -9.13 5.54
CA ALA B 115 16.19 -10.34 4.87
C ALA B 115 15.45 -9.97 3.58
N ASN B 116 15.61 -10.85 2.63
CA ASN B 116 15.17 -10.75 1.24
C ASN B 116 14.16 -11.87 0.91
N PRO B 117 12.96 -11.49 0.46
CA PRO B 117 11.76 -12.27 0.50
C PRO B 117 11.68 -13.66 -0.08
N THR B 118 11.18 -14.62 0.72
CA THR B 118 10.96 -16.02 0.26
C THR B 118 9.53 -16.01 -0.33
N VAL B 119 9.58 -15.92 -1.64
CA VAL B 119 8.46 -15.53 -2.52
C VAL B 119 7.94 -16.77 -3.22
N THR B 120 6.91 -17.32 -2.58
CA THR B 120 6.21 -18.51 -3.07
C THR B 120 4.92 -18.20 -3.82
N LEU B 121 4.88 -18.65 -5.07
CA LEU B 121 3.73 -18.51 -5.96
C LEU B 121 2.96 -19.81 -6.21
N PHE B 122 1.65 -19.71 -5.96
CA PHE B 122 0.66 -20.78 -6.10
C PHE B 122 -0.27 -20.57 -7.31
N PRO B 123 -0.62 -21.67 -7.98
CA PRO B 123 -1.77 -21.72 -8.89
C PRO B 123 -3.09 -22.04 -8.19
N PRO B 124 -4.21 -21.82 -8.89
CA PRO B 124 -5.56 -22.24 -8.46
C PRO B 124 -5.76 -23.75 -8.51
N SER B 125 -6.38 -24.29 -7.48
CA SER B 125 -6.63 -25.71 -7.26
C SER B 125 -7.49 -26.42 -8.30
N SER B 126 -7.34 -27.75 -8.28
CA SER B 126 -8.11 -28.71 -9.11
C SER B 126 -9.61 -28.47 -8.85
N GLU B 127 -9.87 -28.41 -7.55
CA GLU B 127 -11.14 -27.98 -6.97
C GLU B 127 -11.54 -26.57 -7.27
N GLU B 128 -10.73 -25.54 -7.14
CA GLU B 128 -11.11 -24.13 -7.39
C GLU B 128 -11.57 -23.89 -8.82
N LEU B 129 -10.96 -24.71 -9.68
CA LEU B 129 -11.27 -24.75 -11.13
C LEU B 129 -12.41 -25.72 -11.39
N GLN B 130 -12.83 -26.42 -10.33
CA GLN B 130 -14.10 -27.18 -10.37
C GLN B 130 -15.24 -26.18 -10.05
N ALA B 131 -14.85 -25.23 -9.19
CA ALA B 131 -15.73 -24.18 -8.72
C ALA B 131 -15.98 -23.04 -9.68
N ASN B 132 -15.26 -22.97 -10.79
CA ASN B 132 -15.42 -21.90 -11.80
C ASN B 132 -14.84 -20.55 -11.35
N LYS B 133 -13.99 -20.62 -10.35
CA LYS B 133 -13.16 -19.52 -9.84
C LYS B 133 -11.74 -19.66 -10.41
N ALA B 134 -11.00 -18.55 -10.54
CA ALA B 134 -9.51 -18.71 -10.71
C ALA B 134 -8.77 -17.64 -9.94
N THR B 135 -8.04 -18.03 -8.91
CA THR B 135 -7.11 -17.07 -8.25
C THR B 135 -5.77 -17.66 -7.87
N LEU B 136 -4.73 -16.90 -8.25
CA LEU B 136 -3.34 -17.14 -7.83
C LEU B 136 -2.92 -16.21 -6.67
N VAL B 137 -2.10 -16.77 -5.79
CA VAL B 137 -1.47 -16.06 -4.67
C VAL B 137 0.07 -16.13 -4.78
N CYS B 138 0.62 -14.94 -4.60
CA CYS B 138 2.07 -14.73 -4.43
C CYS B 138 2.17 -14.37 -2.93
N LEU B 139 2.68 -15.36 -2.20
CA LEU B 139 2.97 -15.20 -0.76
C LEU B 139 4.44 -14.75 -0.65
N ILE B 140 4.59 -13.63 0.05
CA ILE B 140 5.93 -13.02 0.22
C ILE B 140 6.28 -13.10 1.70
N SER B 141 7.17 -14.00 2.09
CA SER B 141 7.49 -14.15 3.53
C SER B 141 8.93 -13.91 3.93
N ASP B 142 9.10 -13.77 5.24
CA ASP B 142 10.38 -13.70 5.96
C ASP B 142 11.30 -12.57 5.49
N PHE B 143 10.87 -11.32 5.62
CA PHE B 143 11.67 -10.16 5.18
C PHE B 143 11.82 -9.05 6.23
N TYR B 144 12.95 -8.35 6.09
CA TYR B 144 13.19 -7.12 6.95
C TYR B 144 14.03 -6.22 6.07
N PRO B 145 13.72 -4.94 5.89
CA PRO B 145 12.86 -4.07 6.60
C PRO B 145 11.37 -3.92 6.55
N GLY B 146 10.65 -4.36 5.55
CA GLY B 146 9.18 -4.50 5.65
C GLY B 146 8.40 -3.63 4.69
N ALA B 147 9.03 -3.31 3.59
CA ALA B 147 8.41 -2.61 2.45
C ALA B 147 8.87 -3.36 1.20
N VAL B 148 7.87 -3.94 0.56
CA VAL B 148 8.03 -4.70 -0.69
C VAL B 148 7.20 -4.03 -1.79
N THR B 149 7.80 -3.94 -2.97
CA THR B 149 6.99 -3.59 -4.17
C THR B 149 6.77 -4.83 -5.02
N VAL B 150 5.52 -5.07 -5.36
CA VAL B 150 5.03 -6.27 -6.04
C VAL B 150 4.54 -5.94 -7.45
N ALA B 151 4.61 -6.93 -8.34
CA ALA B 151 4.25 -6.75 -9.75
C ALA B 151 4.03 -8.11 -10.43
N TRP B 152 2.91 -8.20 -11.12
CA TRP B 152 2.45 -9.38 -11.82
C TRP B 152 2.61 -9.25 -13.35
N LYS B 153 2.88 -10.42 -13.92
CA LYS B 153 2.94 -10.59 -15.38
C LYS B 153 1.91 -11.61 -15.89
N ALA B 154 1.46 -11.36 -17.11
CA ALA B 154 0.70 -12.34 -17.93
C ALA B 154 1.44 -12.39 -19.28
N ASP B 155 2.19 -13.47 -19.46
CA ASP B 155 2.97 -13.72 -20.67
C ASP B 155 4.02 -12.62 -20.86
N GLY B 156 4.56 -12.25 -19.71
CA GLY B 156 5.64 -11.28 -19.60
C GLY B 156 5.17 -9.86 -19.79
N SER B 157 3.84 -9.69 -19.88
CA SER B 157 3.31 -8.33 -20.15
C SER B 157 2.44 -7.83 -19.01
N PRO B 158 2.86 -6.69 -18.42
CA PRO B 158 2.62 -6.40 -17.01
C PRO B 158 1.25 -5.94 -16.61
N VAL B 159 0.63 -6.76 -15.76
CA VAL B 159 -0.74 -6.57 -15.26
C VAL B 159 -0.86 -5.47 -14.21
N LYS B 160 -1.98 -4.79 -14.31
CA LYS B 160 -2.54 -3.81 -13.38
C LYS B 160 -4.04 -3.78 -13.82
N ALA B 161 -4.67 -4.90 -13.45
CA ALA B 161 -5.94 -5.29 -14.06
C ALA B 161 -6.78 -6.21 -13.20
N GLY B 162 -6.16 -6.93 -12.29
CA GLY B 162 -6.89 -7.92 -11.46
C GLY B 162 -6.28 -8.08 -10.08
N VAL B 163 -5.47 -7.10 -9.68
CA VAL B 163 -4.49 -7.32 -8.60
C VAL B 163 -4.87 -6.55 -7.34
N GLU B 164 -4.93 -7.40 -6.30
CA GLU B 164 -5.06 -6.77 -4.92
C GLU B 164 -3.87 -7.23 -4.12
N THR B 165 -3.23 -6.36 -3.34
CA THR B 165 -2.11 -6.69 -2.44
C THR B 165 -2.30 -6.13 -1.03
N THR B 166 -1.66 -6.82 -0.07
CA THR B 166 -1.70 -6.47 1.36
C THR B 166 -0.51 -5.70 1.89
N LYS B 167 -0.77 -4.80 2.83
CA LYS B 167 0.18 -4.11 3.71
C LYS B 167 0.96 -5.08 4.61
N PRO B 168 2.26 -4.83 4.77
CA PRO B 168 3.20 -5.82 5.29
C PRO B 168 3.16 -5.99 6.80
N SER B 169 2.79 -7.19 7.23
CA SER B 169 2.62 -7.48 8.66
C SER B 169 3.65 -8.40 9.28
N LYS B 170 4.20 -7.92 10.38
CA LYS B 170 5.20 -8.50 11.27
C LYS B 170 4.78 -9.84 11.84
N GLN B 171 5.61 -10.85 11.64
CA GLN B 171 5.36 -12.24 12.00
C GLN B 171 5.78 -12.55 13.44
N SER B 172 5.78 -13.85 13.78
CA SER B 172 6.21 -14.38 15.07
C SER B 172 7.71 -14.22 15.30
N ASN B 173 8.46 -14.27 14.21
CA ASN B 173 9.91 -14.23 14.19
C ASN B 173 10.50 -12.85 13.94
N ASN B 174 9.79 -11.79 14.24
CA ASN B 174 10.16 -10.40 14.12
C ASN B 174 10.37 -9.88 12.69
N LYS B 175 10.53 -10.73 11.70
CA LYS B 175 10.44 -10.38 10.27
C LYS B 175 8.99 -10.31 9.77
N TYR B 176 8.81 -10.07 8.46
CA TYR B 176 7.50 -9.75 7.88
C TYR B 176 6.91 -10.72 6.86
N ALA B 177 5.57 -10.55 6.71
CA ALA B 177 4.79 -11.26 5.68
C ALA B 177 3.85 -10.32 4.92
N ALA B 178 3.82 -10.50 3.60
CA ALA B 178 2.78 -9.93 2.74
C ALA B 178 2.21 -10.97 1.77
N SER B 179 1.18 -10.55 1.03
CA SER B 179 0.47 -11.39 0.06
C SER B 179 -0.24 -10.56 -1.00
N SER B 180 -0.04 -11.02 -2.24
CA SER B 180 -0.70 -10.45 -3.42
C SER B 180 -1.52 -11.54 -4.11
N TYR B 181 -2.64 -11.09 -4.69
CA TYR B 181 -3.44 -11.97 -5.55
C TYR B 181 -3.76 -11.37 -6.92
N LEU B 182 -4.10 -12.35 -7.78
CA LEU B 182 -4.64 -12.11 -9.13
C LEU B 182 -5.87 -13.03 -9.27
N SER B 183 -6.99 -12.43 -9.59
CA SER B 183 -8.23 -13.16 -9.86
C SER B 183 -8.60 -13.06 -11.34
N LEU B 184 -8.89 -14.22 -11.91
CA LEU B 184 -9.38 -14.40 -13.27
C LEU B 184 -10.58 -15.37 -13.34
N THR B 185 -11.05 -15.46 -14.60
CA THR B 185 -11.80 -16.62 -15.11
C THR B 185 -10.88 -17.82 -15.43
N PRO B 186 -11.42 -19.03 -15.26
CA PRO B 186 -10.71 -20.29 -15.53
C PRO B 186 -10.25 -20.43 -16.97
N GLU B 187 -10.78 -19.51 -17.78
CA GLU B 187 -10.38 -19.43 -19.21
C GLU B 187 -9.33 -18.37 -19.38
N GLN B 188 -9.45 -17.21 -18.74
CA GLN B 188 -8.39 -16.17 -18.68
C GLN B 188 -7.05 -16.76 -18.22
N TRP B 189 -7.12 -17.68 -17.28
CA TRP B 189 -5.95 -18.51 -16.89
C TRP B 189 -5.51 -19.39 -18.08
N LYS B 190 -6.38 -20.37 -18.41
CA LYS B 190 -5.99 -21.32 -19.48
C LYS B 190 -5.42 -20.70 -20.75
N SER B 191 -5.83 -19.49 -21.09
CA SER B 191 -5.49 -18.80 -22.33
C SER B 191 -4.05 -18.41 -22.51
N HIS B 192 -3.25 -18.42 -21.47
CA HIS B 192 -1.84 -18.02 -21.47
C HIS B 192 -0.81 -19.13 -21.28
N ARG B 193 0.41 -18.85 -21.75
CA ARG B 193 1.59 -19.70 -21.61
C ARG B 193 2.11 -19.68 -20.15
N SER B 194 2.18 -18.48 -19.61
CA SER B 194 2.63 -18.26 -18.23
C SER B 194 2.11 -16.95 -17.60
N TYR B 195 2.12 -17.01 -16.27
CA TYR B 195 1.87 -15.89 -15.35
C TYR B 195 3.06 -15.81 -14.36
N SER B 196 3.38 -14.58 -13.91
CA SER B 196 4.45 -14.47 -12.89
C SER B 196 4.26 -13.43 -11.80
N CYS B 197 5.06 -13.56 -10.72
CA CYS B 197 5.08 -12.60 -9.61
C CYS B 197 6.49 -12.19 -9.18
N GLN B 198 6.73 -10.91 -9.41
CA GLN B 198 7.95 -10.15 -9.25
C GLN B 198 7.97 -9.23 -8.04
N VAL B 199 8.97 -9.36 -7.16
CA VAL B 199 9.07 -8.59 -5.92
C VAL B 199 10.41 -7.86 -5.72
N THR B 200 10.32 -6.54 -5.64
CA THR B 200 11.38 -5.59 -5.35
C THR B 200 11.48 -5.31 -3.84
N HIS B 201 12.69 -5.58 -3.37
CA HIS B 201 13.04 -5.16 -1.94
C HIS B 201 14.26 -4.29 -2.08
N GLU B 202 15.30 -4.45 -1.30
CA GLU B 202 16.50 -3.59 -1.30
C GLU B 202 17.32 -3.76 -2.56
N GLY B 203 18.30 -4.66 -2.52
CA GLY B 203 19.10 -5.10 -3.67
C GLY B 203 18.33 -5.99 -4.63
N SER B 204 17.43 -6.79 -4.08
CA SER B 204 16.66 -7.81 -4.73
C SER B 204 15.51 -7.38 -5.63
N THR B 205 15.39 -8.14 -6.71
CA THR B 205 14.13 -8.41 -7.41
C THR B 205 14.08 -9.95 -7.57
N VAL B 206 12.86 -10.45 -7.44
CA VAL B 206 12.67 -11.93 -7.50
C VAL B 206 11.29 -12.27 -8.08
N GLU B 207 11.38 -12.91 -9.24
CA GLU B 207 10.30 -13.51 -9.98
C GLU B 207 10.04 -14.96 -9.56
N LYS B 208 8.90 -15.44 -10.02
CA LYS B 208 8.46 -16.87 -9.84
C LYS B 208 7.29 -17.06 -10.81
N THR B 209 7.33 -18.15 -11.54
CA THR B 209 6.48 -18.35 -12.73
C THR B 209 5.69 -19.64 -12.70
N VAL B 210 4.38 -19.46 -12.90
CA VAL B 210 3.44 -20.59 -13.05
C VAL B 210 2.86 -20.62 -14.48
N ALA B 211 2.81 -21.83 -15.00
CA ALA B 211 2.06 -22.19 -16.21
C ALA B 211 0.79 -22.98 -15.86
N PRO B 212 -0.30 -22.68 -16.56
CA PRO B 212 -1.52 -23.49 -16.58
C PRO B 212 -1.25 -24.94 -16.98
N THR B 213 -1.73 -25.85 -16.14
CA THR B 213 -1.78 -27.29 -16.43
C THR B 213 -3.19 -27.83 -16.22
N GLU B 214 -3.55 -28.89 -16.92
CA GLU B 214 -4.86 -29.53 -16.80
C GLU B 214 -5.10 -30.39 -15.57
N CYS B 215 -4.19 -31.22 -15.13
CA CYS B 215 -4.30 -32.26 -14.13
C CYS B 215 -5.31 -33.31 -14.64
N SER B 216 -5.35 -33.31 -15.99
CA SER B 216 -6.24 -34.14 -16.79
C SER B 216 -5.63 -34.42 -18.18
C ACE C 1 1.85 18.08 -1.62
O ACE C 1 2.43 19.14 -1.29
CH3 ACE C 1 1.60 17.01 -0.59
N GLN C 2 1.42 17.85 -2.88
CA GLN C 2 1.80 18.76 -3.93
C GLN C 2 0.94 20.04 -3.93
N PHE C 3 1.64 21.06 -3.58
CA PHE C 3 1.73 22.44 -3.80
C PHE C 3 0.88 23.58 -4.23
N HIS C 4 1.61 24.59 -4.80
CA HIS C 4 1.26 25.82 -5.45
C HIS C 4 2.50 26.51 -6.07
N PRO C 5 2.52 26.71 -7.44
CA PRO C 5 3.52 27.60 -8.04
C PRO C 5 4.94 27.14 -8.37
N BAL C 6 5.84 28.05 -7.95
CB BAL C 6 7.31 27.84 -7.91
CA BAL C 6 8.10 29.22 -7.87
C BAL C 6 7.61 30.06 -6.66
O BAL C 6 7.96 31.21 -6.39
N BAL C 7 6.82 29.26 -5.92
CB BAL C 7 5.94 29.82 -4.88
CA BAL C 7 4.72 30.63 -5.38
C BAL C 7 3.35 29.92 -5.53
O BAL C 7 2.72 30.12 -6.63
OXT BAL C 7 2.59 29.51 -4.59
#